data_3PQK
#
_entry.id   3PQK
#
_cell.length_a   34.230
_cell.length_b   34.230
_cell.length_c   140.830
_cell.angle_alpha   90.03
_cell.angle_beta   90.00
_cell.angle_gamma   120.03
#
_symmetry.space_group_name_H-M   'P 1'
#
loop_
_entity.id
_entity.type
_entity.pdbx_description
1 polymer 'Biofilm growth-associated repressor'
2 water water
#
_entity_poly.entity_id   1
_entity_poly.type   'polypeptide(L)'
_entity_poly.pdbx_seq_one_letter_code
;MTREDMEKRANEVANLLKTLSHPVRL(MSE)LVCTLVEGEFSVGELEQQIGIGQPTLSQQLGVLRESGIVETRRNIKQIF
YRLTEAKAAQLVNALYTIFCAQEKQA
;
_entity_poly.pdbx_strand_id   A,B,C,D,E,F
#
# COMPACT_ATOMS: atom_id res chain seq x y z
N GLU A 4 -1.63 -14.30 -27.88
CA GLU A 4 -0.52 -15.13 -27.42
C GLU A 4 0.63 -14.30 -26.82
N ASP A 5 1.05 -13.20 -27.49
CA ASP A 5 2.11 -12.34 -26.99
C ASP A 5 1.60 -11.46 -25.82
N MET A 6 0.26 -11.32 -25.73
CA MET A 6 -0.47 -10.59 -24.69
C MET A 6 -0.59 -11.51 -23.47
N GLU A 7 -0.77 -12.83 -23.69
CA GLU A 7 -0.81 -13.87 -22.65
C GLU A 7 0.59 -14.03 -22.07
N LYS A 8 1.63 -13.85 -22.92
CA LYS A 8 3.00 -13.93 -22.45
C LYS A 8 3.27 -12.81 -21.43
N ARG A 9 3.11 -11.52 -21.80
CA ARG A 9 3.31 -10.37 -20.92
C ARG A 9 2.44 -10.45 -19.65
N ALA A 10 1.15 -10.81 -19.80
CA ALA A 10 0.20 -10.89 -18.71
C ALA A 10 0.68 -11.79 -17.57
N ASN A 11 1.09 -13.03 -17.88
CA ASN A 11 1.61 -13.98 -16.90
C ASN A 11 2.88 -13.48 -16.24
N GLU A 12 3.80 -12.94 -17.05
CA GLU A 12 5.06 -12.40 -16.61
C GLU A 12 4.85 -11.26 -15.59
N VAL A 13 3.94 -10.33 -15.91
CA VAL A 13 3.62 -9.17 -15.04
C VAL A 13 2.89 -9.63 -13.76
N ALA A 14 1.97 -10.60 -13.90
CA ALA A 14 1.27 -11.17 -12.75
C ALA A 14 2.24 -11.82 -11.79
N ASN A 15 3.26 -12.54 -12.32
CA ASN A 15 4.27 -13.20 -11.49
C ASN A 15 5.11 -12.15 -10.75
N LEU A 16 5.45 -11.06 -11.46
CA LEU A 16 6.17 -9.96 -10.83
C LEU A 16 5.34 -9.33 -9.68
N LEU A 17 4.02 -9.16 -9.88
CA LEU A 17 3.12 -8.56 -8.86
C LEU A 17 3.00 -9.48 -7.67
N LYS A 18 2.94 -10.81 -7.92
CA LYS A 18 2.91 -11.82 -6.83
C LYS A 18 4.13 -11.60 -5.93
N THR A 19 5.32 -11.43 -6.56
CA THR A 19 6.56 -11.22 -5.83
C THR A 19 6.50 -9.98 -4.95
N LEU A 20 6.02 -8.86 -5.51
CA LEU A 20 5.95 -7.59 -4.78
C LEU A 20 4.79 -7.53 -3.78
N SER A 21 3.88 -8.51 -3.80
CA SER A 21 2.70 -8.64 -2.93
C SER A 21 3.02 -9.04 -1.45
N HIS A 22 4.05 -8.42 -0.84
CA HIS A 22 4.40 -8.66 0.57
C HIS A 22 4.73 -7.29 1.14
N PRO A 23 4.05 -6.85 2.22
CA PRO A 23 4.33 -5.51 2.80
C PRO A 23 5.80 -5.22 3.11
N VAL A 24 6.54 -6.22 3.60
CA VAL A 24 7.97 -6.05 3.93
C VAL A 24 8.77 -5.86 2.65
N ARG A 25 8.46 -6.65 1.58
CA ARG A 25 9.12 -6.47 0.27
C ARG A 25 8.84 -5.09 -0.29
N LEU A 26 7.61 -4.60 -0.14
CA LEU A 26 7.28 -3.25 -0.59
C LEU A 26 8.04 -2.14 0.14
N LEU A 28 10.91 -2.43 1.62
CA LEU A 28 12.28 -2.61 1.16
C LEU A 28 12.53 -1.97 -0.19
N VAL A 29 11.74 -2.29 -1.21
CA VAL A 29 11.92 -1.72 -2.54
C VAL A 29 11.72 -0.20 -2.58
N CYS A 30 10.71 0.31 -1.88
CA CYS A 30 10.50 1.76 -1.84
C CYS A 30 11.65 2.49 -1.12
N THR A 31 12.21 1.88 -0.04
CA THR A 31 13.37 2.45 0.67
C THR A 31 14.58 2.53 -0.27
N LEU A 32 14.81 1.44 -1.06
CA LEU A 32 15.93 1.35 -2.02
C LEU A 32 15.86 2.28 -3.23
N VAL A 33 14.70 2.86 -3.51
CA VAL A 33 14.53 3.86 -4.58
C VAL A 33 15.42 5.07 -4.23
N GLU A 34 15.50 5.38 -2.94
CA GLU A 34 16.27 6.49 -2.38
C GLU A 34 17.79 6.28 -2.36
N GLY A 35 18.24 5.04 -2.48
CA GLY A 35 19.66 4.72 -2.53
C GLY A 35 20.01 3.35 -2.00
N GLU A 36 21.32 3.05 -1.94
CA GLU A 36 21.87 1.78 -1.46
C GLU A 36 21.92 1.78 0.05
N PHE A 37 21.45 0.70 0.70
CA PHE A 37 21.48 0.63 2.15
C PHE A 37 22.02 -0.70 2.64
N SER A 38 22.64 -0.68 3.81
CA SER A 38 23.18 -1.89 4.40
C SER A 38 22.00 -2.55 5.12
N VAL A 39 22.15 -3.79 5.56
CA VAL A 39 21.11 -4.54 6.26
C VAL A 39 20.71 -3.86 7.58
N GLY A 40 21.70 -3.30 8.29
CA GLY A 40 21.48 -2.56 9.52
C GLY A 40 20.67 -1.30 9.32
N GLU A 41 20.98 -0.55 8.23
CA GLU A 41 20.25 0.66 7.85
C GLU A 41 18.82 0.35 7.44
N LEU A 42 18.62 -0.79 6.71
CA LEU A 42 17.28 -1.21 6.30
C LEU A 42 16.44 -1.54 7.52
N GLU A 43 17.02 -2.28 8.47
CA GLU A 43 16.36 -2.70 9.71
C GLU A 43 15.86 -1.52 10.51
N GLN A 44 16.69 -0.47 10.65
CA GLN A 44 16.35 0.74 11.39
C GLN A 44 15.29 1.58 10.73
N GLN A 45 15.41 1.82 9.42
CA GLN A 45 14.46 2.63 8.64
C GLN A 45 13.04 2.02 8.48
N ILE A 46 12.92 0.68 8.41
CA ILE A 46 11.60 0.08 8.20
C ILE A 46 11.03 -0.56 9.47
N GLY A 47 11.88 -0.87 10.43
CA GLY A 47 11.44 -1.45 11.69
C GLY A 47 11.13 -2.93 11.61
N ILE A 48 11.88 -3.66 10.76
CA ILE A 48 11.76 -5.09 10.59
C ILE A 48 13.14 -5.69 10.91
N GLY A 49 13.19 -6.64 11.83
CA GLY A 49 14.43 -7.29 12.22
C GLY A 49 14.68 -8.60 11.52
N GLN A 50 15.41 -9.52 12.18
CA GLN A 50 15.75 -10.85 11.66
C GLN A 50 14.84 -11.93 12.25
N PRO A 51 14.62 -13.11 11.59
CA PRO A 51 15.14 -13.52 10.27
C PRO A 51 14.40 -12.87 9.07
N THR A 52 13.24 -12.23 9.34
CA THR A 52 12.33 -11.56 8.37
C THR A 52 13.03 -10.68 7.31
N LEU A 53 13.77 -9.65 7.75
CA LEU A 53 14.46 -8.72 6.86
C LEU A 53 15.38 -9.40 5.85
N SER A 54 16.22 -10.33 6.29
CA SER A 54 17.12 -11.01 5.36
C SER A 54 16.44 -12.09 4.51
N GLN A 55 15.38 -12.73 5.02
CA GLN A 55 14.66 -13.70 4.18
C GLN A 55 13.88 -12.98 3.05
N GLN A 56 13.34 -11.79 3.35
CA GLN A 56 12.60 -10.97 2.38
C GLN A 56 13.49 -10.34 1.33
N LEU A 57 14.75 -9.95 1.68
CA LEU A 57 15.75 -9.42 0.74
C LEU A 57 16.23 -10.58 -0.15
N GLY A 58 16.35 -11.76 0.47
CA GLY A 58 16.70 -13.01 -0.20
C GLY A 58 15.70 -13.26 -1.31
N VAL A 59 14.38 -13.17 -1.01
CA VAL A 59 13.29 -13.31 -2.00
C VAL A 59 13.46 -12.27 -3.16
N LEU A 60 13.69 -10.99 -2.82
CA LEU A 60 13.86 -9.89 -3.79
C LEU A 60 15.10 -10.05 -4.63
N ARG A 61 16.16 -10.66 -4.05
CA ARG A 61 17.42 -10.93 -4.74
C ARG A 61 17.20 -12.09 -5.69
N GLU A 62 16.51 -13.17 -5.24
CA GLU A 62 16.21 -14.35 -6.11
C GLU A 62 15.38 -13.88 -7.29
N SER A 63 14.40 -12.99 -7.03
CA SER A 63 13.52 -12.45 -8.07
C SER A 63 14.21 -11.48 -9.03
N GLY A 64 15.47 -11.13 -8.76
CA GLY A 64 16.22 -10.23 -9.63
C GLY A 64 15.87 -8.76 -9.48
N ILE A 65 15.22 -8.41 -8.37
CA ILE A 65 14.72 -7.03 -8.12
C ILE A 65 15.76 -6.21 -7.34
N VAL A 66 16.48 -6.88 -6.43
CA VAL A 66 17.51 -6.28 -5.63
C VAL A 66 18.81 -7.08 -5.85
N GLU A 67 19.95 -6.41 -5.70
CA GLU A 67 21.26 -7.02 -5.78
C GLU A 67 22.17 -6.40 -4.69
N THR A 68 23.35 -6.98 -4.49
CA THR A 68 24.29 -6.47 -3.50
C THR A 68 25.48 -5.77 -4.16
N ARG A 69 26.13 -4.92 -3.39
CA ARG A 69 27.34 -4.20 -3.82
C ARG A 69 28.28 -4.13 -2.62
N ARG A 70 29.56 -4.45 -2.82
CA ARG A 70 30.58 -4.39 -1.79
C ARG A 70 31.91 -3.92 -2.43
N ASN A 71 32.09 -2.59 -2.53
CA ASN A 71 33.26 -1.94 -3.13
C ASN A 71 34.51 -2.09 -2.28
N ILE A 72 34.35 -2.03 -0.93
CA ILE A 72 35.47 -2.14 0.01
C ILE A 72 35.23 -3.24 1.03
N LYS A 73 34.17 -3.11 1.84
CA LYS A 73 33.91 -4.05 2.93
C LYS A 73 32.41 -4.18 3.23
N GLN A 74 31.73 -3.03 3.39
CA GLN A 74 30.32 -3.05 3.74
C GLN A 74 29.44 -3.60 2.61
N ILE A 75 28.52 -4.50 2.94
CA ILE A 75 27.56 -5.02 1.96
C ILE A 75 26.36 -4.04 1.83
N PHE A 76 26.14 -3.45 0.64
CA PHE A 76 24.99 -2.57 0.38
C PHE A 76 24.03 -3.23 -0.59
N TYR A 77 22.73 -3.10 -0.31
CA TYR A 77 21.68 -3.59 -1.20
C TYR A 77 21.24 -2.41 -2.03
N ARG A 78 20.82 -2.68 -3.25
CA ARG A 78 20.38 -1.70 -4.21
C ARG A 78 19.43 -2.41 -5.16
N LEU A 79 18.60 -1.62 -5.83
CA LEU A 79 17.68 -2.11 -6.82
C LEU A 79 18.47 -2.50 -8.07
N THR A 80 17.97 -3.47 -8.84
CA THR A 80 18.65 -3.77 -10.10
C THR A 80 18.21 -2.72 -11.13
N GLU A 81 18.84 -2.72 -12.32
CA GLU A 81 18.51 -1.76 -13.37
C GLU A 81 17.59 -2.40 -14.41
N ALA A 82 17.07 -3.58 -14.07
CA ALA A 82 16.16 -4.37 -14.90
C ALA A 82 14.80 -3.73 -15.00
N LYS A 83 13.97 -4.30 -15.88
CA LYS A 83 12.60 -3.90 -16.17
C LYS A 83 11.74 -3.70 -14.90
N ALA A 84 11.83 -4.59 -13.90
CA ALA A 84 11.09 -4.51 -12.64
C ALA A 84 11.32 -3.21 -11.82
N ALA A 85 12.50 -2.59 -11.95
CA ALA A 85 12.82 -1.35 -11.23
C ALA A 85 11.91 -0.20 -11.67
N GLN A 86 11.39 -0.29 -12.92
CA GLN A 86 10.44 0.70 -13.48
C GLN A 86 9.12 0.61 -12.71
N LEU A 87 8.71 -0.62 -12.37
CA LEU A 87 7.46 -0.80 -11.62
C LEU A 87 7.66 -0.29 -10.18
N VAL A 88 8.82 -0.62 -9.59
CA VAL A 88 9.18 -0.19 -8.21
C VAL A 88 9.13 1.35 -8.16
N ASN A 89 9.79 2.02 -9.12
CA ASN A 89 9.77 3.48 -9.21
C ASN A 89 8.33 4.06 -9.31
N ALA A 90 7.42 3.37 -10.03
CA ALA A 90 6.01 3.81 -10.16
C ALA A 90 5.26 3.62 -8.86
N LEU A 91 5.49 2.50 -8.16
CA LEU A 91 4.87 2.24 -6.86
C LEU A 91 5.34 3.30 -5.83
N TYR A 92 6.63 3.72 -5.93
CA TYR A 92 7.20 4.76 -5.03
C TYR A 92 6.43 6.05 -5.24
N THR A 93 6.38 6.55 -6.50
CA THR A 93 5.69 7.80 -6.90
C THR A 93 4.19 7.80 -6.53
N ILE A 94 3.49 6.70 -6.81
CA ILE A 94 2.06 6.63 -6.54
C ILE A 94 1.75 6.51 -5.05
N PHE A 95 2.48 5.62 -4.33
CA PHE A 95 2.17 5.31 -2.94
C PHE A 95 3.15 5.78 -1.86
N CYS A 96 4.39 5.29 -1.89
CA CYS A 96 5.41 5.53 -0.86
C CYS A 96 5.79 6.98 -0.69
N ALA A 97 5.93 7.72 -1.81
CA ALA A 97 6.28 9.14 -1.76
C ALA A 97 5.24 10.00 -0.99
N GLN A 98 3.95 9.53 -0.85
CA GLN A 98 2.87 10.25 -0.16
C GLN A 98 3.07 10.34 1.36
N GLU A 99 3.94 9.48 1.91
CA GLU A 99 4.28 9.41 3.34
C GLU A 99 5.40 10.41 3.69
N LYS A 100 6.00 11.08 2.67
CA LYS A 100 7.05 12.07 2.86
C LYS A 100 6.50 13.41 3.39
N GLN A 101 7.32 14.08 4.21
CA GLN A 101 7.01 15.37 4.80
C GLN A 101 7.51 16.47 3.88
N ALA A 102 6.72 17.55 3.66
CA ALA A 102 7.14 18.67 2.78
C ALA A 102 8.34 19.45 3.34
N THR B 2 5.85 8.02 10.20
CA THR B 2 6.00 6.97 11.21
C THR B 2 6.02 5.57 10.57
N ARG B 3 6.69 4.60 11.23
CA ARG B 3 6.79 3.22 10.77
C ARG B 3 5.43 2.52 10.76
N GLU B 4 4.51 2.95 11.64
CA GLU B 4 3.15 2.42 11.70
C GLU B 4 2.38 2.88 10.45
N ASP B 5 2.59 4.15 10.01
CA ASP B 5 1.97 4.72 8.82
C ASP B 5 2.53 4.11 7.53
N MET B 6 3.80 3.64 7.57
CA MET B 6 4.48 3.00 6.45
C MET B 6 3.98 1.56 6.36
N GLU B 7 3.74 0.91 7.54
CA GLU B 7 3.18 -0.44 7.66
C GLU B 7 1.73 -0.45 7.13
N LYS B 8 0.98 0.64 7.37
CA LYS B 8 -0.39 0.76 6.90
C LYS B 8 -0.44 0.81 5.37
N ARG B 9 0.31 1.74 4.72
CA ARG B 9 0.37 1.88 3.26
C ARG B 9 0.86 0.59 2.60
N ALA B 10 1.91 -0.02 3.16
CA ALA B 10 2.54 -1.25 2.67
C ALA B 10 1.54 -2.39 2.53
N ASN B 11 0.75 -2.65 3.59
CA ASN B 11 -0.27 -3.69 3.57
C ASN B 11 -1.35 -3.42 2.53
N GLU B 12 -1.80 -2.17 2.47
CA GLU B 12 -2.83 -1.72 1.55
C GLU B 12 -2.37 -1.93 0.10
N VAL B 13 -1.13 -1.55 -0.23
CA VAL B 13 -0.55 -1.67 -1.58
C VAL B 13 -0.31 -3.16 -1.94
N ALA B 14 0.16 -3.96 -0.95
CA ALA B 14 0.37 -5.39 -1.14
C ALA B 14 -0.94 -6.07 -1.45
N ASN B 15 -2.04 -5.68 -0.77
CA ASN B 15 -3.37 -6.26 -1.01
C ASN B 15 -3.85 -5.91 -2.43
N LEU B 16 -3.60 -4.65 -2.85
CA LEU B 16 -3.93 -4.23 -4.20
C LEU B 16 -3.15 -5.06 -5.25
N LEU B 17 -1.85 -5.35 -5.00
CA LEU B 17 -1.01 -6.12 -5.92
C LEU B 17 -1.48 -7.56 -5.99
N LYS B 18 -1.92 -8.12 -4.85
CA LYS B 18 -2.48 -9.48 -4.79
C LYS B 18 -3.67 -9.56 -5.76
N THR B 19 -4.55 -8.53 -5.71
CA THR B 19 -5.72 -8.46 -6.57
C THR B 19 -5.33 -8.45 -8.05
N LEU B 20 -4.36 -7.61 -8.42
CA LEU B 20 -3.94 -7.49 -9.82
C LEU B 20 -3.07 -8.66 -10.29
N SER B 21 -2.63 -9.54 -9.38
CA SER B 21 -1.79 -10.72 -9.62
C SER B 21 -2.50 -11.90 -10.36
N HIS B 22 -3.30 -11.60 -11.41
CA HIS B 22 -3.97 -12.61 -12.22
C HIS B 22 -3.83 -12.16 -13.64
N PRO B 23 -3.24 -12.99 -14.55
CA PRO B 23 -3.07 -12.56 -15.96
C PRO B 23 -4.33 -12.05 -16.65
N VAL B 24 -5.48 -12.67 -16.39
CA VAL B 24 -6.75 -12.25 -17.01
C VAL B 24 -7.17 -10.88 -16.46
N ARG B 25 -7.01 -10.66 -15.14
CA ARG B 25 -7.28 -9.34 -14.54
C ARG B 25 -6.39 -8.28 -15.14
N LEU B 26 -5.11 -8.60 -15.36
CA LEU B 26 -4.21 -7.66 -15.98
C LEU B 26 -4.59 -7.29 -17.43
N LEU B 28 -7.55 -7.41 -18.73
CA LEU B 28 -8.76 -6.63 -18.57
C LEU B 28 -8.48 -5.18 -18.20
N VAL B 29 -7.69 -4.92 -17.16
CA VAL B 29 -7.40 -3.53 -16.77
C VAL B 29 -6.60 -2.76 -17.81
N CYS B 30 -5.62 -3.41 -18.43
CA CYS B 30 -4.87 -2.72 -19.50
C CYS B 30 -5.76 -2.40 -20.71
N THR B 31 -6.70 -3.31 -21.07
CA THR B 31 -7.65 -3.05 -22.17
C THR B 31 -8.53 -1.84 -21.84
N LEU B 32 -8.97 -1.74 -20.57
CA LEU B 32 -9.85 -0.67 -20.09
C LEU B 32 -9.21 0.70 -19.96
N VAL B 33 -7.89 0.78 -20.00
CA VAL B 33 -7.15 2.06 -20.00
C VAL B 33 -7.55 2.82 -21.28
N GLU B 34 -7.74 2.08 -22.37
CA GLU B 34 -8.09 2.57 -23.70
C GLU B 34 -9.55 3.04 -23.84
N GLY B 35 -10.42 2.60 -22.92
CA GLY B 35 -11.81 3.03 -22.93
C GLY B 35 -12.77 2.02 -22.34
N GLU B 36 -14.07 2.34 -22.41
CA GLU B 36 -15.17 1.51 -21.90
C GLU B 36 -15.49 0.41 -22.89
N PHE B 37 -15.62 -0.83 -22.43
CA PHE B 37 -15.95 -1.94 -23.33
C PHE B 37 -17.04 -2.83 -22.78
N SER B 38 -17.81 -3.45 -23.67
CA SER B 38 -18.87 -4.33 -23.25
C SER B 38 -18.20 -5.68 -22.99
N VAL B 39 -18.94 -6.63 -22.41
CA VAL B 39 -18.43 -7.97 -22.11
C VAL B 39 -18.04 -8.71 -23.39
N GLY B 40 -18.83 -8.52 -24.46
CA GLY B 40 -18.57 -9.12 -25.77
C GLY B 40 -17.31 -8.59 -26.40
N GLU B 41 -17.08 -7.27 -26.31
CA GLU B 41 -15.88 -6.61 -26.82
C GLU B 41 -14.65 -7.04 -26.04
N LEU B 42 -14.79 -7.22 -24.71
CA LEU B 42 -13.67 -7.67 -23.87
C LEU B 42 -13.27 -9.09 -24.25
N GLU B 43 -14.27 -9.97 -24.44
CA GLU B 43 -14.08 -11.37 -24.81
C GLU B 43 -13.30 -11.51 -26.11
N GLN B 44 -13.65 -10.70 -27.13
CA GLN B 44 -13.02 -10.72 -28.45
C GLN B 44 -11.60 -10.19 -28.42
N GLN B 45 -11.37 -9.04 -27.77
CA GLN B 45 -10.05 -8.41 -27.69
C GLN B 45 -9.00 -9.19 -26.86
N ILE B 46 -9.43 -9.92 -25.83
CA ILE B 46 -8.53 -10.62 -24.89
C ILE B 46 -8.47 -12.12 -25.14
N GLY B 47 -9.48 -12.68 -25.79
CA GLY B 47 -9.53 -14.10 -26.09
C GLY B 47 -9.82 -14.97 -24.89
N ILE B 48 -10.62 -14.44 -23.95
CA ILE B 48 -11.05 -15.16 -22.75
C ILE B 48 -12.59 -15.16 -22.78
N GLY B 49 -13.19 -16.36 -22.69
CA GLY B 49 -14.64 -16.51 -22.71
C GLY B 49 -15.24 -16.61 -21.33
N GLN B 50 -16.36 -17.34 -21.23
CA GLN B 50 -17.07 -17.56 -19.97
C GLN B 50 -16.79 -18.94 -19.39
N PRO B 51 -16.95 -19.20 -18.06
CA PRO B 51 -17.35 -18.27 -16.99
C PRO B 51 -16.26 -17.29 -16.55
N THR B 52 -14.99 -17.57 -16.93
CA THR B 52 -13.74 -16.85 -16.61
C THR B 52 -13.81 -15.32 -16.70
N LEU B 53 -14.11 -14.78 -17.90
CA LEU B 53 -14.20 -13.34 -18.15
C LEU B 53 -15.11 -12.60 -17.15
N SER B 54 -16.34 -13.09 -16.93
CA SER B 54 -17.23 -12.45 -15.96
C SER B 54 -16.84 -12.73 -14.51
N GLN B 55 -16.13 -13.84 -14.24
CA GLN B 55 -15.64 -14.15 -12.87
C GLN B 55 -14.57 -13.11 -12.50
N GLN B 56 -13.64 -12.86 -13.44
CA GLN B 56 -12.54 -11.91 -13.28
C GLN B 56 -12.94 -10.46 -13.24
N LEU B 57 -13.95 -10.03 -14.04
CA LEU B 57 -14.48 -8.65 -13.97
C LEU B 57 -15.24 -8.49 -12.63
N GLY B 58 -15.82 -9.60 -12.15
CA GLY B 58 -16.51 -9.70 -10.87
C GLY B 58 -15.55 -9.36 -9.75
N VAL B 59 -14.36 -10.03 -9.72
CA VAL B 59 -13.28 -9.74 -8.76
C VAL B 59 -12.83 -8.28 -8.83
N LEU B 60 -12.60 -7.74 -10.04
CA LEU B 60 -12.14 -6.36 -10.27
C LEU B 60 -13.16 -5.34 -9.83
N ARG B 61 -14.45 -5.68 -9.96
CA ARG B 61 -15.58 -4.82 -9.56
C ARG B 61 -15.64 -4.83 -8.04
N GLU B 62 -15.55 -6.02 -7.41
CA GLU B 62 -15.57 -6.14 -5.92
C GLU B 62 -14.42 -5.34 -5.34
N SER B 63 -13.23 -5.44 -5.99
CA SER B 63 -12.04 -4.73 -5.55
C SER B 63 -12.10 -3.20 -5.77
N GLY B 64 -13.14 -2.72 -6.43
CA GLY B 64 -13.29 -1.28 -6.68
C GLY B 64 -12.43 -0.73 -7.80
N ILE B 65 -11.90 -1.62 -8.65
CA ILE B 65 -10.97 -1.25 -9.73
C ILE B 65 -11.72 -0.97 -11.05
N VAL B 66 -12.81 -1.71 -11.27
CA VAL B 66 -13.65 -1.58 -12.43
C VAL B 66 -15.09 -1.34 -11.94
N GLU B 67 -15.87 -0.64 -12.75
CA GLU B 67 -17.29 -0.39 -12.50
C GLU B 67 -18.06 -0.49 -13.84
N THR B 68 -19.38 -0.49 -13.77
CA THR B 68 -20.22 -0.56 -14.96
C THR B 68 -20.88 0.77 -15.25
N ARG B 69 -21.26 0.95 -16.52
CA ARG B 69 -21.98 2.12 -17.00
C ARG B 69 -23.02 1.64 -18.00
N ARG B 70 -24.25 2.16 -17.89
CA ARG B 70 -25.36 1.84 -18.80
C ARG B 70 -26.22 3.11 -18.97
N ASN B 71 -25.83 3.96 -19.93
CA ASN B 71 -26.46 5.24 -20.27
C ASN B 71 -27.82 5.03 -20.93
N ILE B 72 -27.92 4.02 -21.82
CA ILE B 72 -29.15 3.72 -22.56
C ILE B 72 -29.58 2.27 -22.35
N LYS B 73 -28.75 1.31 -22.77
CA LYS B 73 -29.11 -0.11 -22.70
C LYS B 73 -27.87 -0.99 -22.55
N GLN B 74 -26.83 -0.78 -23.36
CA GLN B 74 -25.64 -1.62 -23.32
C GLN B 74 -24.87 -1.45 -22.01
N ILE B 75 -24.45 -2.54 -21.40
CA ILE B 75 -23.62 -2.48 -20.18
C ILE B 75 -22.11 -2.34 -20.59
N PHE B 76 -21.46 -1.23 -20.23
CA PHE B 76 -20.03 -1.02 -20.49
C PHE B 76 -19.25 -1.05 -19.19
N TYR B 77 -18.08 -1.69 -19.22
CA TYR B 77 -17.17 -1.72 -18.08
C TYR B 77 -16.15 -0.63 -18.32
N ARG B 78 -15.65 -0.05 -17.26
CA ARG B 78 -14.69 1.03 -17.27
C ARG B 78 -13.92 0.97 -15.95
N LEU B 79 -12.75 1.55 -15.94
CA LEU B 79 -11.93 1.66 -14.76
C LEU B 79 -12.56 2.67 -13.83
N THR B 80 -12.36 2.51 -12.52
CA THR B 80 -12.84 3.55 -11.60
C THR B 80 -11.83 4.71 -11.63
N GLU B 81 -12.18 5.83 -10.99
CA GLU B 81 -11.31 7.01 -10.94
C GLU B 81 -10.55 7.06 -9.60
N ALA B 82 -10.60 5.95 -8.87
CA ALA B 82 -9.95 5.76 -7.58
C ALA B 82 -8.43 5.66 -7.73
N LYS B 83 -7.75 5.64 -6.58
CA LYS B 83 -6.31 5.55 -6.43
C LYS B 83 -5.69 4.39 -7.25
N ALA B 84 -6.32 3.21 -7.26
CA ALA B 84 -5.87 2.02 -8.00
C ALA B 84 -5.71 2.22 -9.54
N ALA B 85 -6.50 3.14 -10.12
CA ALA B 85 -6.44 3.42 -11.56
C ALA B 85 -5.07 4.01 -11.94
N GLN B 86 -4.40 4.67 -10.97
CA GLN B 86 -3.06 5.26 -11.15
C GLN B 86 -2.04 4.11 -11.32
N LEU B 87 -2.23 3.02 -10.57
CA LEU B 87 -1.32 1.87 -10.69
C LEU B 87 -1.57 1.16 -12.03
N VAL B 88 -2.85 0.99 -12.40
CA VAL B 88 -3.26 0.37 -13.67
C VAL B 88 -2.61 1.16 -14.83
N ASN B 89 -2.74 2.51 -14.80
CA ASN B 89 -2.15 3.38 -15.80
C ASN B 89 -0.61 3.21 -15.91
N ALA B 90 0.10 2.97 -14.78
CA ALA B 90 1.55 2.75 -14.75
C ALA B 90 1.89 1.40 -15.32
N LEU B 91 1.11 0.36 -15.00
CA LEU B 91 1.33 -0.99 -15.54
C LEU B 91 1.13 -0.97 -17.07
N TYR B 92 0.15 -0.16 -17.56
CA TYR B 92 -0.11 -0.03 -19.01
C TYR B 92 1.12 0.53 -19.69
N THR B 93 1.61 1.71 -19.22
CA THR B 93 2.78 2.42 -19.76
C THR B 93 4.07 1.57 -19.71
N ILE B 94 4.32 0.87 -18.59
CA ILE B 94 5.54 0.07 -18.45
C ILE B 94 5.48 -1.21 -19.27
N PHE B 95 4.34 -1.94 -19.22
CA PHE B 95 4.23 -3.25 -19.84
C PHE B 95 3.33 -3.41 -21.07
N CYS B 96 2.02 -3.17 -20.92
CA CYS B 96 1.01 -3.37 -21.96
C CYS B 96 1.22 -2.55 -23.21
N ALA B 97 1.65 -1.29 -23.06
CA ALA B 97 1.92 -0.38 -24.18
C ALA B 97 3.05 -0.90 -25.13
N GLN B 98 3.95 -1.79 -24.64
CA GLN B 98 5.07 -2.34 -25.42
C GLN B 98 4.62 -3.35 -26.50
N GLU B 99 3.38 -3.85 -26.39
CA GLU B 99 2.78 -4.81 -27.33
C GLU B 99 2.11 -4.08 -28.50
N LYS B 100 2.05 -2.72 -28.45
CA LYS B 100 1.46 -1.90 -29.50
C LYS B 100 2.37 -1.78 -30.72
N GLN B 101 1.73 -1.67 -31.90
CA GLN B 101 2.40 -1.53 -33.19
C GLN B 101 2.57 -0.05 -33.50
N ALA B 102 3.75 0.38 -34.00
CA ALA B 102 4.02 1.79 -34.34
C ALA B 102 3.12 2.33 -35.46
N THR C 2 39.65 26.31 16.50
CA THR C 2 39.62 26.78 15.11
C THR C 2 39.74 25.61 14.12
N ARG C 3 39.21 25.79 12.90
CA ARG C 3 39.25 24.80 11.82
C ARG C 3 40.69 24.57 11.35
N GLU C 4 41.55 25.59 11.47
CA GLU C 4 42.97 25.53 11.12
C GLU C 4 43.75 24.64 12.09
N ASP C 5 43.48 24.77 13.41
CA ASP C 5 44.12 23.97 14.45
C ASP C 5 43.66 22.50 14.38
N MET C 6 42.44 22.29 13.87
CA MET C 6 41.80 21.01 13.65
C MET C 6 42.45 20.37 12.42
N GLU C 7 42.65 21.17 11.33
CA GLU C 7 43.29 20.74 10.08
C GLU C 7 44.74 20.33 10.36
N LYS C 8 45.43 21.09 11.24
CA LYS C 8 46.80 20.81 11.63
C LYS C 8 46.92 19.43 12.30
N ARG C 9 46.14 19.17 13.39
CA ARG C 9 46.16 17.90 14.11
C ARG C 9 45.78 16.72 13.19
N ALA C 10 44.75 16.91 12.34
CA ALA C 10 44.25 15.90 11.42
C ALA C 10 45.34 15.39 10.48
N ASN C 11 46.08 16.32 9.83
CA ASN C 11 47.17 15.94 8.93
C ASN C 11 48.26 15.18 9.68
N GLU C 12 48.63 15.68 10.87
CA GLU C 12 49.65 15.10 11.70
C GLU C 12 49.28 13.65 12.09
N VAL C 13 48.03 13.42 12.50
CA VAL C 13 47.53 12.09 12.91
C VAL C 13 47.43 11.14 11.69
N ALA C 14 46.97 11.67 10.55
CA ALA C 14 46.91 10.92 9.30
C ALA C 14 48.29 10.45 8.88
N ASN C 15 49.31 11.31 9.03
CA ASN C 15 50.70 10.96 8.67
C ASN C 15 51.21 9.86 9.60
N LEU C 16 50.89 9.97 10.90
CA LEU C 16 51.25 8.94 11.85
C LEU C 16 50.60 7.58 11.49
N LEU C 17 49.32 7.59 11.07
CA LEU C 17 48.59 6.37 10.68
C LEU C 17 49.18 5.76 9.44
N LYS C 18 49.59 6.62 8.48
CA LYS C 18 50.26 6.14 7.25
C LYS C 18 51.50 5.33 7.64
N THR C 19 52.30 5.85 8.60
CA THR C 19 53.50 5.20 9.09
C THR C 19 53.19 3.83 9.67
N LEU C 20 52.18 3.76 10.54
CA LEU C 20 51.82 2.51 11.21
C LEU C 20 51.06 1.53 10.29
N SER C 21 50.65 1.97 9.10
CA SER C 21 49.91 1.18 8.08
C SER C 21 50.77 0.08 7.36
N HIS C 22 51.59 -0.70 8.11
CA HIS C 22 52.36 -1.82 7.54
C HIS C 22 52.25 -2.95 8.53
N PRO C 23 51.80 -4.18 8.15
CA PRO C 23 51.68 -5.27 9.14
C PRO C 23 52.96 -5.56 9.94
N VAL C 24 54.12 -5.57 9.29
CA VAL C 24 55.40 -5.80 10.00
C VAL C 24 55.64 -4.70 11.04
N ARG C 25 55.42 -3.41 10.67
CA ARG C 25 55.53 -2.29 11.63
C ARG C 25 54.57 -2.47 12.79
N LEU C 26 53.35 -2.93 12.51
CA LEU C 26 52.41 -3.20 13.59
C LEU C 26 52.85 -4.32 14.54
N LEU C 28 55.87 -5.25 15.14
CA LEU C 28 57.01 -4.70 15.84
C LEU C 28 56.58 -3.80 17.00
N VAL C 29 55.73 -2.81 16.76
CA VAL C 29 55.30 -1.90 17.83
C VAL C 29 54.50 -2.60 18.93
N CYS C 30 53.60 -3.53 18.57
CA CYS C 30 52.86 -4.28 19.58
C CYS C 30 53.78 -5.17 20.42
N THR C 31 54.82 -5.79 19.79
CA THR C 31 55.81 -6.60 20.54
C THR C 31 56.56 -5.74 21.55
N LEU C 32 56.98 -4.51 21.12
CA LEU C 32 57.72 -3.55 21.96
C LEU C 32 56.96 -2.95 23.12
N VAL C 33 55.63 -3.05 23.12
CA VAL C 33 54.78 -2.60 24.25
C VAL C 33 55.16 -3.42 25.50
N GLU C 34 55.46 -4.70 25.28
CA GLU C 34 55.86 -5.67 26.29
C GLU C 34 57.27 -5.50 26.86
N GLY C 35 58.13 -4.77 26.14
CA GLY C 35 59.48 -4.49 26.61
C GLY C 35 60.48 -4.28 25.50
N GLU C 36 61.76 -4.10 25.88
CA GLU C 36 62.89 -3.88 24.98
C GLU C 36 63.36 -5.21 24.41
N PHE C 37 63.57 -5.29 23.09
CA PHE C 37 64.02 -6.52 22.47
C PHE C 37 65.15 -6.29 21.50
N SER C 38 66.02 -7.27 21.36
CA SER C 38 67.13 -7.18 20.43
C SER C 38 66.57 -7.58 19.08
N VAL C 39 67.33 -7.36 18.00
CA VAL C 39 66.91 -7.68 16.63
C VAL C 39 66.66 -9.18 16.47
N GLY C 40 67.50 -10.01 17.11
CA GLY C 40 67.36 -11.46 17.08
C GLY C 40 66.09 -11.92 17.76
N GLU C 41 65.74 -11.33 18.92
CA GLU C 41 64.53 -11.62 19.66
C GLU C 41 63.29 -11.19 18.89
N LEU C 42 63.37 -10.03 18.18
CA LEU C 42 62.24 -9.55 17.38
C LEU C 42 62.00 -10.50 16.22
N GLU C 43 63.06 -10.95 15.56
CA GLU C 43 63.00 -11.87 14.41
C GLU C 43 62.32 -13.18 14.79
N GLN C 44 62.66 -13.73 15.94
CA GLN C 44 62.10 -15.00 16.44
C GLN C 44 60.64 -14.88 16.84
N GLN C 45 60.29 -13.84 17.62
CA GLN C 45 58.92 -13.60 18.08
C GLN C 45 57.89 -13.23 16.98
N ILE C 46 58.34 -12.54 15.93
CA ILE C 46 57.48 -12.02 14.87
C ILE C 46 57.49 -12.92 13.62
N GLY C 47 58.59 -13.62 13.40
CA GLY C 47 58.74 -14.49 12.23
C GLY C 47 59.06 -13.75 10.96
N ILE C 48 59.76 -12.61 11.08
CA ILE C 48 60.20 -11.79 9.96
C ILE C 48 61.72 -11.67 10.05
N GLY C 49 62.40 -12.00 8.95
CA GLY C 49 63.85 -11.98 8.88
C GLY C 49 64.38 -10.73 8.21
N GLN C 50 65.57 -10.85 7.63
CA GLN C 50 66.23 -9.74 6.95
C GLN C 50 66.05 -9.80 5.42
N PRO C 51 66.16 -8.68 4.66
CA PRO C 51 66.43 -7.29 5.09
C PRO C 51 65.24 -6.57 5.74
N THR C 52 64.01 -7.14 5.57
CA THR C 52 62.69 -6.66 6.04
C THR C 52 62.67 -6.10 7.48
N LEU C 53 62.91 -6.95 8.47
CA LEU C 53 62.92 -6.56 9.89
C LEU C 53 63.72 -5.30 10.18
N SER C 54 64.98 -5.23 9.73
CA SER C 54 65.77 -4.01 9.96
C SER C 54 65.33 -2.83 9.08
N GLN C 55 64.73 -3.11 7.91
CA GLN C 55 64.24 -2.00 7.11
C GLN C 55 63.01 -1.33 7.74
N GLN C 56 62.13 -2.16 8.34
CA GLN C 56 60.92 -1.70 9.02
C GLN C 56 61.19 -1.06 10.36
N LEU C 57 62.19 -1.57 11.14
CA LEU C 57 62.61 -0.92 12.39
C LEU C 57 63.24 0.44 12.05
N GLY C 58 63.92 0.49 10.90
CA GLY C 58 64.54 1.68 10.33
C GLY C 58 63.50 2.76 10.11
N VAL C 59 62.38 2.41 9.43
CA VAL C 59 61.22 3.31 9.22
C VAL C 59 60.67 3.82 10.56
N LEU C 60 60.44 2.93 11.53
CA LEU C 60 59.88 3.29 12.85
C LEU C 60 60.81 4.17 13.65
N ARG C 61 62.13 4.00 13.48
CA ARG C 61 63.16 4.80 14.15
C ARG C 61 63.15 6.19 13.51
N GLU C 62 63.12 6.26 12.17
CA GLU C 62 63.08 7.57 11.43
C GLU C 62 61.83 8.33 11.86
N SER C 63 60.70 7.60 11.98
CA SER C 63 59.43 8.20 12.38
C SER C 63 59.36 8.62 13.85
N GLY C 64 60.40 8.29 14.64
CA GLY C 64 60.45 8.67 16.05
C GLY C 64 59.60 7.81 16.96
N ILE C 65 59.19 6.62 16.48
CA ILE C 65 58.29 5.72 17.22
C ILE C 65 59.08 4.70 18.05
N VAL C 66 60.23 4.28 17.52
CA VAL C 66 61.12 3.34 18.17
C VAL C 66 62.51 4.00 18.26
N GLU C 67 63.28 3.62 19.28
CA GLU C 67 64.66 4.05 19.47
C GLU C 67 65.50 2.87 19.96
N THR C 68 66.82 3.04 20.00
CA THR C 68 67.71 2.00 20.47
C THR C 68 68.29 2.33 21.85
N ARG C 69 68.72 1.29 22.54
CA ARG C 69 69.35 1.40 23.85
C ARG C 69 70.49 0.37 23.88
N ARG C 70 71.67 0.78 24.35
CA ARG C 70 72.83 -0.10 24.43
C ARG C 70 73.68 0.28 25.67
N ASN C 71 73.23 -0.20 26.87
CA ASN C 71 73.79 0.06 28.19
C ASN C 71 75.17 -0.53 28.37
N ILE C 72 75.40 -1.75 27.83
CA ILE C 72 76.67 -2.44 27.93
C ILE C 72 77.19 -2.84 26.55
N LYS C 73 76.45 -3.70 25.83
CA LYS C 73 76.90 -4.23 24.55
C LYS C 73 75.75 -4.54 23.61
N GLN C 74 74.73 -5.26 24.09
CA GLN C 74 73.62 -5.64 23.25
C GLN C 74 72.79 -4.41 22.83
N ILE C 75 72.40 -4.34 21.57
CA ILE C 75 71.53 -3.26 21.08
C ILE C 75 70.04 -3.69 21.31
N PHE C 76 69.29 -2.95 22.13
CA PHE C 76 67.85 -3.22 22.35
C PHE C 76 67.01 -2.12 21.75
N TYR C 77 65.91 -2.51 21.12
CA TYR C 77 64.94 -1.56 20.57
C TYR C 77 63.84 -1.43 21.59
N ARG C 78 63.25 -0.26 21.66
CA ARG C 78 62.20 0.09 22.60
C ARG C 78 61.39 1.20 21.96
N LEU C 79 60.16 1.36 22.44
CA LEU C 79 59.28 2.40 21.99
C LEU C 79 59.77 3.73 22.56
N THR C 80 59.51 4.82 21.86
CA THR C 80 59.87 6.12 22.46
C THR C 80 58.76 6.49 23.46
N GLU C 81 58.97 7.56 24.25
CA GLU C 81 58.00 8.00 25.25
C GLU C 81 57.17 9.17 24.71
N ALA C 82 57.29 9.41 23.41
CA ALA C 82 56.59 10.45 22.67
C ALA C 82 55.10 10.15 22.55
N LYS C 83 54.36 11.15 22.04
CA LYS C 83 52.93 11.12 21.80
C LYS C 83 52.45 9.86 21.04
N ALA C 84 53.18 9.42 20.00
CA ALA C 84 52.86 8.23 19.21
C ALA C 84 52.76 6.90 20.01
N ALA C 85 53.51 6.80 21.12
CA ALA C 85 53.49 5.58 21.96
C ALA C 85 52.11 5.37 22.59
N GLN C 86 51.34 6.46 22.75
CA GLN C 86 49.96 6.43 23.29
C GLN C 86 49.06 5.73 22.27
N LEU C 87 49.28 5.98 20.98
CA LEU C 87 48.49 5.33 19.93
C LEU C 87 48.86 3.85 19.87
N VAL C 88 50.17 3.55 19.93
CA VAL C 88 50.70 2.18 19.90
C VAL C 88 50.05 1.39 21.06
N ASN C 89 50.07 1.96 22.28
CA ASN C 89 49.47 1.36 23.47
C ASN C 89 47.96 1.07 23.28
N ALA C 90 47.22 1.94 22.56
CA ALA C 90 45.79 1.75 22.27
C ALA C 90 45.58 0.67 21.26
N LEU C 91 46.42 0.60 20.22
CA LEU C 91 46.33 -0.47 19.20
C LEU C 91 46.62 -1.83 19.87
N TYR C 92 47.55 -1.88 20.85
CA TYR C 92 47.89 -3.11 21.58
C TYR C 92 46.64 -3.61 22.30
N THR C 93 46.05 -2.74 23.17
CA THR C 93 44.85 -3.04 23.97
C THR C 93 43.64 -3.44 23.11
N ILE C 94 43.38 -2.73 22.02
CA ILE C 94 42.22 -3.02 21.17
C ILE C 94 42.43 -4.28 20.34
N PHE C 95 43.62 -4.44 19.71
CA PHE C 95 43.86 -5.52 18.77
C PHE C 95 44.83 -6.64 19.18
N CYS C 96 46.11 -6.29 19.40
CA CYS C 96 47.18 -7.25 19.68
C CYS C 96 46.98 -8.08 20.93
N ALA C 97 46.44 -7.45 22.00
CA ALA C 97 46.15 -8.13 23.28
C ALA C 97 45.13 -9.28 23.15
N GLN C 98 44.29 -9.28 22.08
CA GLN C 98 43.25 -10.31 21.82
C GLN C 98 43.83 -11.66 21.41
N GLU C 99 45.10 -11.67 20.96
CA GLU C 99 45.83 -12.86 20.51
C GLU C 99 46.51 -13.58 21.70
N LYS C 100 46.46 -12.97 22.90
CA LYS C 100 47.04 -13.53 24.12
C LYS C 100 46.19 -14.66 24.69
N GLN C 101 46.85 -15.65 25.29
CA GLN C 101 46.23 -16.81 25.92
C GLN C 101 46.02 -16.50 27.39
N ALA C 102 44.85 -16.87 27.96
CA ALA C 102 44.52 -16.62 29.38
C ALA C 102 45.41 -17.40 30.34
N THR D 2 49.67 -18.09 17.47
CA THR D 2 50.42 -18.47 16.29
C THR D 2 50.87 -17.24 15.48
N ARG D 3 51.97 -17.38 14.70
CA ARG D 3 52.51 -16.30 13.85
C ARG D 3 51.54 -15.98 12.71
N GLU D 4 50.75 -16.98 12.26
CA GLU D 4 49.72 -16.85 11.23
C GLU D 4 48.61 -15.93 11.74
N ASP D 5 48.05 -16.25 12.95
CA ASP D 5 46.99 -15.46 13.57
C ASP D 5 47.42 -14.02 13.87
N MET D 6 48.74 -13.81 14.06
CA MET D 6 49.41 -12.53 14.31
C MET D 6 49.55 -11.77 12.98
N GLU D 7 49.92 -12.49 11.90
CA GLU D 7 50.05 -11.93 10.56
C GLU D 7 48.66 -11.52 10.03
N LYS D 8 47.63 -12.31 10.39
CA LYS D 8 46.26 -12.02 9.95
C LYS D 8 45.71 -10.76 10.63
N ARG D 9 45.91 -10.62 11.97
CA ARG D 9 45.44 -9.44 12.70
C ARG D 9 46.20 -8.20 12.20
N ALA D 10 47.52 -8.32 12.07
CA ALA D 10 48.40 -7.25 11.60
C ALA D 10 47.94 -6.66 10.28
N ASN D 11 47.63 -7.53 9.30
CA ASN D 11 47.15 -7.11 7.99
C ASN D 11 45.82 -6.37 8.06
N GLU D 12 44.89 -6.93 8.84
CA GLU D 12 43.56 -6.40 9.06
C GLU D 12 43.65 -4.99 9.69
N VAL D 13 44.50 -4.83 10.70
CA VAL D 13 44.68 -3.53 11.42
C VAL D 13 45.39 -2.50 10.52
N ALA D 14 46.39 -2.94 9.75
CA ALA D 14 47.08 -2.09 8.79
C ALA D 14 46.10 -1.56 7.76
N ASN D 15 45.17 -2.42 7.26
CA ASN D 15 44.18 -2.03 6.26
C ASN D 15 43.23 -0.98 6.86
N LEU D 16 42.84 -1.19 8.13
CA LEU D 16 42.00 -0.24 8.83
C LEU D 16 42.71 1.13 8.97
N LEU D 17 44.04 1.13 9.28
CA LEU D 17 44.82 2.36 9.44
C LEU D 17 44.97 3.08 8.11
N LYS D 18 45.13 2.31 7.01
CA LYS D 18 45.20 2.89 5.65
C LYS D 18 43.92 3.69 5.40
N THR D 19 42.75 3.12 5.75
CA THR D 19 41.46 3.76 5.59
C THR D 19 41.39 5.08 6.36
N LEU D 20 41.80 5.06 7.64
CA LEU D 20 41.73 6.25 8.49
C LEU D 20 42.83 7.28 8.18
N SER D 21 43.82 6.92 7.35
CA SER D 21 44.96 7.75 6.94
C SER D 21 44.59 8.93 5.96
N HIS D 22 43.49 9.65 6.22
CA HIS D 22 43.08 10.81 5.41
C HIS D 22 42.62 11.86 6.40
N PRO D 23 43.22 13.07 6.40
CA PRO D 23 42.79 14.11 7.37
C PRO D 23 41.29 14.39 7.43
N VAL D 24 40.61 14.39 6.28
CA VAL D 24 39.17 14.65 6.22
C VAL D 24 38.40 13.49 6.88
N ARG D 25 38.82 12.24 6.61
CA ARG D 25 38.22 11.06 7.27
C ARG D 25 38.41 11.14 8.77
N LEU D 26 39.60 11.56 9.23
CA LEU D 26 39.83 11.70 10.65
C LEU D 26 38.93 12.77 11.32
N LEU D 28 36.04 13.79 10.29
CA LEU D 28 34.71 13.21 10.24
C LEU D 28 34.47 12.21 11.38
N VAL D 29 35.36 11.22 11.55
CA VAL D 29 35.18 10.23 12.61
C VAL D 29 35.26 10.82 14.02
N CYS D 30 36.20 11.75 14.25
CA CYS D 30 36.28 12.40 15.56
C CYS D 30 35.03 13.24 15.86
N THR D 31 34.48 13.94 14.83
CA THR D 31 33.24 14.73 15.00
C THR D 31 32.06 13.79 15.40
N LEU D 32 31.96 12.61 14.72
CA LEU D 32 30.90 11.62 14.97
C LEU D 32 30.96 10.90 16.31
N VAL D 33 32.10 10.96 17.02
CA VAL D 33 32.24 10.41 18.39
C VAL D 33 31.24 11.15 19.30
N GLU D 34 31.07 12.45 19.06
CA GLU D 34 30.18 13.35 19.78
C GLU D 34 28.68 13.16 19.49
N GLY D 35 28.36 12.51 18.39
CA GLY D 35 26.96 12.24 18.04
C GLY D 35 26.69 12.14 16.56
N GLU D 36 25.41 11.97 16.20
CA GLU D 36 24.93 11.85 14.83
C GLU D 36 24.79 13.22 14.20
N PHE D 37 25.31 13.41 12.98
CA PHE D 37 25.23 14.70 12.31
C PHE D 37 24.78 14.55 10.87
N SER D 38 24.10 15.58 10.37
CA SER D 38 23.64 15.57 9.00
C SER D 38 24.83 16.05 8.17
N VAL D 39 24.76 15.93 6.84
CA VAL D 39 25.82 16.34 5.93
C VAL D 39 26.10 17.85 6.03
N GLY D 40 25.03 18.65 6.19
CA GLY D 40 25.13 20.09 6.36
C GLY D 40 25.84 20.48 7.64
N GLU D 41 25.54 19.79 8.75
CA GLU D 41 26.16 19.99 10.05
C GLU D 41 27.64 19.59 10.02
N LEU D 42 27.96 18.50 9.29
CA LEU D 42 29.36 18.05 9.17
C LEU D 42 30.16 19.09 8.39
N GLU D 43 29.60 19.61 7.30
CA GLU D 43 30.22 20.62 6.45
C GLU D 43 30.57 21.89 7.22
N GLN D 44 29.65 22.35 8.08
CA GLN D 44 29.85 23.56 8.88
C GLN D 44 30.87 23.39 9.97
N GLN D 45 30.80 22.28 10.73
CA GLN D 45 31.71 21.97 11.84
C GLN D 45 33.19 21.71 11.44
N ILE D 46 33.42 21.19 10.24
CA ILE D 46 34.76 20.80 9.79
C ILE D 46 35.33 21.79 8.80
N GLY D 47 34.47 22.41 8.01
CA GLY D 47 34.89 23.37 6.99
C GLY D 47 35.31 22.67 5.70
N ILE D 48 34.61 21.57 5.35
CA ILE D 48 34.86 20.80 4.14
C ILE D 48 33.55 20.74 3.35
N GLY D 49 33.57 21.27 2.13
CA GLY D 49 32.39 21.29 1.27
C GLY D 49 32.23 20.05 0.43
N GLN D 50 31.61 20.20 -0.75
CA GLN D 50 31.41 19.14 -1.74
C GLN D 50 32.34 19.32 -2.94
N PRO D 51 32.66 18.27 -3.74
CA PRO D 51 32.26 16.86 -3.62
C PRO D 51 32.97 16.09 -2.50
N THR D 52 34.08 16.65 -1.95
CA THR D 52 34.96 16.10 -0.90
C THR D 52 34.24 15.41 0.29
N LEU D 53 33.43 16.17 1.06
CA LEU D 53 32.72 15.65 2.22
C LEU D 53 31.93 14.37 1.94
N SER D 54 31.14 14.36 0.88
CA SER D 54 30.37 13.16 0.57
C SER D 54 31.23 12.05 -0.05
N GLN D 55 32.37 12.40 -0.69
CA GLN D 55 33.31 11.39 -1.22
C GLN D 55 33.95 10.64 -0.04
N GLN D 56 34.40 11.41 0.98
CA GLN D 56 35.04 10.88 2.18
C GLN D 56 34.12 10.12 3.09
N LEU D 57 32.86 10.58 3.25
CA LEU D 57 31.85 9.86 4.03
C LEU D 57 31.50 8.54 3.31
N GLY D 58 31.55 8.59 1.98
CA GLY D 58 31.33 7.47 1.09
C GLY D 58 32.36 6.38 1.38
N VAL D 59 33.66 6.77 1.43
CA VAL D 59 34.77 5.86 1.79
C VAL D 59 34.56 5.24 3.18
N LEU D 60 34.20 6.05 4.18
CA LEU D 60 33.98 5.60 5.58
C LEU D 60 32.81 4.68 5.70
N ARG D 61 31.78 4.87 4.86
CA ARG D 61 30.58 4.03 4.83
C ARG D 61 30.94 2.70 4.19
N GLU D 62 31.68 2.74 3.05
CA GLU D 62 32.13 1.48 2.35
C GLU D 62 32.98 0.67 3.31
N SER D 63 33.86 1.35 4.07
CA SER D 63 34.74 0.69 5.03
C SER D 63 34.03 0.16 6.27
N GLY D 64 32.74 0.43 6.42
CA GLY D 64 31.95 -0.04 7.56
C GLY D 64 32.18 0.72 8.85
N ILE D 65 32.75 1.93 8.75
CA ILE D 65 33.10 2.76 9.92
C ILE D 65 31.98 3.72 10.29
N VAL D 66 31.27 4.22 9.27
CA VAL D 66 30.14 5.12 9.43
C VAL D 66 28.93 4.49 8.73
N GLU D 67 27.74 4.79 9.21
CA GLU D 67 26.47 4.38 8.63
C GLU D 67 25.46 5.55 8.70
N THR D 68 24.33 5.41 8.02
CA THR D 68 23.30 6.44 8.04
C THR D 68 22.10 6.01 8.87
N ARG D 69 21.34 7.02 9.32
CA ARG D 69 20.12 6.82 10.08
C ARG D 69 19.11 7.87 9.58
N ARG D 70 17.86 7.45 9.34
CA ARG D 70 16.77 8.33 8.90
C ARG D 70 15.46 7.83 9.53
N ASN D 71 15.18 8.29 10.77
CA ASN D 71 14.01 7.94 11.58
C ASN D 71 12.74 8.54 11.01
N ILE D 72 12.81 9.79 10.51
CA ILE D 72 11.65 10.49 9.96
C ILE D 72 11.93 10.98 8.54
N LYS D 73 12.93 11.86 8.38
CA LYS D 73 13.20 12.48 7.08
C LYS D 73 14.68 12.83 6.92
N GLN D 74 15.27 13.50 7.94
CA GLN D 74 16.65 13.93 7.85
C GLN D 74 17.62 12.74 7.85
N ILE D 75 18.60 12.75 6.96
CA ILE D 75 19.65 11.72 6.94
C ILE D 75 20.77 12.10 7.95
N PHE D 76 21.00 11.29 8.98
CA PHE D 76 22.10 11.50 9.94
C PHE D 76 23.15 10.42 9.79
N TYR D 77 24.41 10.83 9.86
CA TYR D 77 25.54 9.91 9.85
C TYR D 77 25.93 9.67 11.28
N ARG D 78 26.43 8.49 11.56
CA ARG D 78 26.84 8.04 12.87
C ARG D 78 27.90 6.96 12.67
N LEU D 79 28.69 6.74 13.71
CA LEU D 79 29.69 5.72 13.71
C LEU D 79 29.00 4.36 13.82
N THR D 80 29.61 3.32 13.28
CA THR D 80 29.03 1.98 13.49
C THR D 80 29.44 1.50 14.90
N GLU D 81 28.87 0.39 15.36
CA GLU D 81 29.18 -0.16 16.68
C GLU D 81 30.20 -1.30 16.56
N ALA D 82 30.80 -1.42 15.38
CA ALA D 82 31.80 -2.42 15.04
C ALA D 82 33.12 -2.15 15.76
N LYS D 83 34.04 -3.12 15.65
CA LYS D 83 35.39 -3.11 16.21
C LYS D 83 36.16 -1.81 15.91
N ALA D 84 36.09 -1.28 14.68
CA ALA D 84 36.76 -0.04 14.26
C ALA D 84 36.38 1.23 15.09
N ALA D 85 35.16 1.26 15.65
CA ALA D 85 34.70 2.40 16.46
C ALA D 85 35.54 2.54 17.74
N GLN D 86 36.13 1.42 18.20
CA GLN D 86 37.02 1.38 19.39
C GLN D 86 38.32 2.14 19.05
N LEU D 87 38.81 1.99 17.82
CA LEU D 87 40.01 2.69 17.40
C LEU D 87 39.71 4.19 17.26
N VAL D 88 38.55 4.52 16.65
CA VAL D 88 38.09 5.90 16.46
C VAL D 88 38.01 6.58 17.84
N ASN D 89 37.37 5.91 18.82
CA ASN D 89 37.24 6.41 20.20
C ASN D 89 38.62 6.67 20.85
N ALA D 90 39.64 5.83 20.55
CA ALA D 90 41.01 6.01 21.08
C ALA D 90 41.70 7.18 20.42
N LEU D 91 41.53 7.35 19.09
CA LEU D 91 42.11 8.48 18.36
C LEU D 91 41.50 9.80 18.88
N TYR D 92 40.17 9.78 19.23
CA TYR D 92 39.49 10.96 19.78
C TYR D 92 40.15 11.38 21.08
N THR D 93 40.22 10.43 22.05
CA THR D 93 40.81 10.63 23.39
C THR D 93 42.28 11.08 23.33
N ILE D 94 43.09 10.44 22.47
CA ILE D 94 44.52 10.78 22.38
C ILE D 94 44.74 12.12 21.68
N PHE D 95 44.07 12.35 20.53
CA PHE D 95 44.33 13.51 19.69
C PHE D 95 43.26 14.60 19.62
N CYS D 96 42.07 14.27 19.11
CA CYS D 96 40.97 15.22 18.87
C CYS D 96 40.47 15.95 20.10
N ALA D 97 40.38 15.23 21.23
CA ALA D 97 39.95 15.79 22.52
C ALA D 97 40.88 16.93 23.04
N GLN D 98 42.15 17.01 22.55
CA GLN D 98 43.13 18.02 22.97
C GLN D 98 42.82 19.43 22.41
N GLU D 99 41.97 19.49 21.37
CA GLU D 99 41.55 20.73 20.72
C GLU D 99 40.34 21.36 21.45
N LYS D 100 39.78 20.65 22.46
CA LYS D 100 38.65 21.13 23.25
C LYS D 100 39.06 22.19 24.27
N GLN D 101 38.13 23.14 24.53
CA GLN D 101 38.32 24.23 25.47
C GLN D 101 37.80 23.79 26.83
N ALA D 102 38.52 24.11 27.93
CA ALA D 102 38.10 23.73 29.30
C ALA D 102 36.79 24.37 29.74
N THR E 2 -60.72 -13.60 8.27
CA THR E 2 -61.53 -12.67 9.06
C THR E 2 -61.37 -11.22 8.54
N ARG E 3 -62.30 -10.32 8.93
CA ARG E 3 -62.23 -8.90 8.55
C ARG E 3 -61.01 -8.23 9.23
N GLU E 4 -60.60 -8.77 10.39
CA GLU E 4 -59.45 -8.32 11.19
C GLU E 4 -58.14 -8.70 10.49
N ASP E 5 -58.05 -9.95 9.95
CA ASP E 5 -56.89 -10.44 9.23
C ASP E 5 -56.72 -9.71 7.89
N MET E 6 -57.84 -9.22 7.33
CA MET E 6 -57.92 -8.46 6.09
C MET E 6 -57.37 -7.05 6.39
N GLU E 7 -57.81 -6.44 7.52
CA GLU E 7 -57.41 -5.12 8.02
C GLU E 7 -55.88 -5.12 8.29
N LYS E 8 -55.37 -6.22 8.88
CA LYS E 8 -53.95 -6.38 9.18
C LYS E 8 -53.13 -6.30 7.89
N ARG E 9 -53.44 -7.16 6.89
CA ARG E 9 -52.73 -7.16 5.61
C ARG E 9 -52.86 -5.81 4.89
N ALA E 10 -54.08 -5.24 4.91
CA ALA E 10 -54.40 -3.98 4.26
C ALA E 10 -53.50 -2.82 4.74
N ASN E 11 -53.35 -2.67 6.06
CA ASN E 11 -52.51 -1.63 6.64
C ASN E 11 -51.04 -1.85 6.30
N GLU E 12 -50.59 -3.10 6.38
CA GLU E 12 -49.23 -3.51 6.08
C GLU E 12 -48.86 -3.16 4.63
N VAL E 13 -49.75 -3.49 3.69
CA VAL E 13 -49.54 -3.23 2.23
C VAL E 13 -49.60 -1.72 1.94
N ALA E 14 -50.51 -0.99 2.58
CA ALA E 14 -50.61 0.46 2.45
C ALA E 14 -49.33 1.12 2.92
N ASN E 15 -48.76 0.64 4.05
CA ASN E 15 -47.50 1.19 4.59
C ASN E 15 -46.35 0.95 3.60
N LEU E 16 -46.32 -0.26 3.02
CA LEU E 16 -45.32 -0.58 2.01
C LEU E 16 -45.45 0.35 0.78
N LEU E 17 -46.69 0.64 0.33
CA LEU E 17 -46.93 1.51 -0.84
C LEU E 17 -46.53 2.93 -0.52
N LYS E 18 -46.77 3.40 0.73
CA LYS E 18 -46.34 4.74 1.16
C LYS E 18 -44.84 4.86 0.97
N THR E 19 -44.08 3.82 1.39
CA THR E 19 -42.63 3.77 1.27
C THR E 19 -42.19 3.90 -0.18
N LEU E 20 -42.81 3.12 -1.08
CA LEU E 20 -42.44 3.11 -2.49
C LEU E 20 -42.96 4.33 -3.28
N SER E 21 -43.83 5.15 -2.65
CA SER E 21 -44.45 6.35 -3.22
C SER E 21 -43.48 7.58 -3.37
N HIS E 22 -42.25 7.35 -3.87
CA HIS E 22 -41.27 8.41 -4.13
C HIS E 22 -40.63 8.08 -5.45
N PRO E 23 -40.68 8.98 -6.46
CA PRO E 23 -40.07 8.67 -7.77
C PRO E 23 -38.62 8.20 -7.74
N VAL E 24 -37.79 8.76 -6.86
CA VAL E 24 -36.38 8.38 -6.75
C VAL E 24 -36.27 6.96 -6.17
N ARG E 25 -37.11 6.63 -5.15
CA ARG E 25 -37.16 5.26 -4.61
C ARG E 25 -37.58 4.27 -5.66
N LEU E 26 -38.55 4.65 -6.50
CA LEU E 26 -38.98 3.77 -7.59
C LEU E 26 -37.89 3.51 -8.64
N LEU E 28 -34.68 3.66 -8.15
CA LEU E 28 -33.72 2.85 -7.44
C LEU E 28 -34.11 1.39 -7.40
N VAL E 29 -35.33 1.06 -6.94
CA VAL E 29 -35.76 -0.33 -6.86
C VAL E 29 -35.88 -1.01 -8.22
N CYS E 30 -36.39 -0.30 -9.24
CA CYS E 30 -36.46 -0.88 -10.58
C CYS E 30 -35.05 -1.13 -11.16
N THR E 31 -34.08 -0.22 -10.90
CA THR E 31 -32.68 -0.41 -11.35
C THR E 31 -32.09 -1.67 -10.71
N LEU E 32 -32.33 -1.86 -9.38
CA LEU E 32 -31.83 -3.01 -8.61
C LEU E 32 -32.41 -4.36 -8.96
N VAL E 33 -33.53 -4.40 -9.69
CA VAL E 33 -34.14 -5.66 -10.20
C VAL E 33 -33.12 -6.32 -11.14
N GLU E 34 -32.40 -5.49 -11.91
CA GLU E 34 -31.39 -5.89 -12.88
C GLU E 34 -30.07 -6.40 -12.27
N GLY E 35 -29.81 -6.06 -11.02
CA GLY E 35 -28.62 -6.51 -10.32
C GLY E 35 -28.13 -5.58 -9.24
N GLU E 36 -26.99 -5.92 -8.62
CA GLU E 36 -26.35 -5.16 -7.54
C GLU E 36 -25.56 -4.01 -8.13
N PHE E 37 -25.72 -2.80 -7.57
CA PHE E 37 -25.01 -1.63 -8.08
C PHE E 37 -24.38 -0.83 -6.96
N SER E 38 -23.27 -0.17 -7.25
CA SER E 38 -22.59 0.65 -6.28
C SER E 38 -23.32 1.99 -6.31
N VAL E 39 -23.04 2.88 -5.35
CA VAL E 39 -23.66 4.20 -5.27
C VAL E 39 -23.33 5.06 -6.49
N GLY E 40 -22.10 4.95 -6.99
CA GLY E 40 -21.65 5.66 -8.18
C GLY E 40 -22.38 5.21 -9.43
N GLU E 41 -22.59 3.89 -9.58
CA GLU E 41 -23.33 3.30 -10.69
C GLU E 41 -24.80 3.69 -10.65
N LEU E 42 -25.38 3.76 -9.43
CA LEU E 42 -26.78 4.17 -9.27
C LEU E 42 -26.95 5.63 -9.69
N GLU E 43 -26.01 6.48 -9.26
CA GLU E 43 -26.02 7.91 -9.56
C GLU E 43 -25.99 8.17 -11.06
N GLN E 44 -25.15 7.44 -11.80
CA GLN E 44 -25.00 7.59 -13.25
C GLN E 44 -26.21 7.09 -14.02
N GLN E 45 -26.72 5.89 -13.67
CA GLN E 45 -27.87 5.28 -14.34
C GLN E 45 -29.23 6.02 -14.13
N ILE E 46 -29.45 6.62 -12.94
CA ILE E 46 -30.72 7.29 -12.62
C ILE E 46 -30.66 8.82 -12.67
N GLY E 47 -29.46 9.39 -12.71
CA GLY E 47 -29.28 10.83 -12.80
C GLY E 47 -29.66 11.60 -11.56
N ILE E 48 -29.51 10.97 -10.38
CA ILE E 48 -29.76 11.59 -9.10
C ILE E 48 -28.45 11.55 -8.29
N GLY E 49 -28.02 12.72 -7.82
CA GLY E 49 -26.77 12.85 -7.08
C GLY E 49 -26.98 12.83 -5.59
N GLN E 50 -26.09 13.52 -4.86
CA GLN E 50 -26.14 13.63 -3.40
C GLN E 50 -26.69 14.98 -2.94
N PRO E 51 -27.24 15.11 -1.71
CA PRO E 51 -27.44 14.10 -0.66
C PRO E 51 -28.60 13.12 -0.94
N THR E 52 -29.49 13.46 -1.91
CA THR E 52 -30.71 12.75 -2.35
C THR E 52 -30.56 11.22 -2.51
N LEU E 53 -29.70 10.77 -3.45
CA LEU E 53 -29.48 9.35 -3.72
C LEU E 53 -29.23 8.54 -2.44
N SER E 54 -28.29 8.97 -1.60
CA SER E 54 -27.99 8.25 -0.35
C SER E 54 -29.10 8.42 0.72
N GLN E 55 -29.86 9.52 0.68
CA GLN E 55 -31.00 9.72 1.60
C GLN E 55 -32.08 8.69 1.25
N GLN E 56 -32.38 8.55 -0.05
CA GLN E 56 -33.38 7.62 -0.57
C GLN E 56 -33.04 6.16 -0.42
N LEU E 57 -31.76 5.76 -0.61
CA LEU E 57 -31.33 4.38 -0.38
C LEU E 57 -31.39 4.09 1.13
N GLY E 58 -31.13 5.13 1.93
CA GLY E 58 -31.23 5.10 3.39
C GLY E 58 -32.62 4.71 3.80
N VAL E 59 -33.66 5.40 3.25
CA VAL E 59 -35.09 5.08 3.47
C VAL E 59 -35.40 3.62 3.05
N LEU E 60 -34.96 3.19 1.87
CA LEU E 60 -35.20 1.83 1.33
C LEU E 60 -34.53 0.76 2.16
N ARG E 61 -33.38 1.09 2.76
CA ARG E 61 -32.62 0.17 3.62
C ARG E 61 -33.36 0.05 4.95
N GLU E 62 -33.80 1.19 5.53
CA GLU E 62 -34.56 1.21 6.80
C GLU E 62 -35.83 0.40 6.63
N SER E 63 -36.49 0.57 5.47
CA SER E 63 -37.73 -0.15 5.16
C SER E 63 -37.54 -1.63 4.88
N GLY E 64 -36.30 -2.10 4.83
CA GLY E 64 -35.99 -3.52 4.58
C GLY E 64 -36.14 -3.96 3.15
N ILE E 65 -36.15 -3.00 2.21
CA ILE E 65 -36.37 -3.28 0.78
C ILE E 65 -35.03 -3.47 0.05
N VAL E 66 -34.01 -2.73 0.48
CA VAL E 66 -32.67 -2.80 -0.08
C VAL E 66 -31.70 -3.11 1.08
N GLU E 67 -30.59 -3.77 0.76
CA GLU E 67 -29.51 -4.07 1.68
C GLU E 67 -28.15 -3.88 0.97
N THR E 68 -27.06 -3.92 1.71
CA THR E 68 -25.72 -3.78 1.15
C THR E 68 -24.98 -5.10 1.14
N ARG E 69 -23.99 -5.18 0.26
CA ARG E 69 -23.10 -6.33 0.14
C ARG E 69 -21.70 -5.81 -0.14
N ARG E 70 -20.70 -6.35 0.58
CA ARG E 70 -19.29 -5.98 0.40
C ARG E 70 -18.43 -7.25 0.62
N ASN E 71 -18.23 -8.03 -0.46
CA ASN E 71 -17.47 -9.29 -0.46
C ASN E 71 -15.98 -9.05 -0.33
N ILE E 72 -15.46 -7.97 -0.95
CA ILE E 72 -14.03 -7.64 -0.92
C ILE E 72 -13.81 -6.23 -0.41
N LYS E 73 -14.32 -5.22 -1.13
CA LYS E 73 -14.08 -3.81 -0.80
C LYS E 73 -15.22 -2.91 -1.24
N GLN E 74 -15.68 -3.05 -2.49
CA GLN E 74 -16.74 -2.21 -3.02
C GLN E 74 -18.09 -2.46 -2.32
N ILE E 75 -18.78 -1.41 -1.94
CA ILE E 75 -20.13 -1.53 -1.36
C ILE E 75 -21.19 -1.62 -2.51
N PHE E 76 -21.92 -2.74 -2.61
CA PHE E 76 -23.00 -2.90 -3.60
C PHE E 76 -24.35 -2.94 -2.91
N TYR E 77 -25.33 -2.26 -3.49
CA TYR E 77 -26.71 -2.31 -3.01
C TYR E 77 -27.43 -3.34 -3.83
N ARG E 78 -28.40 -4.00 -3.23
CA ARG E 78 -29.20 -5.04 -3.82
C ARG E 78 -30.54 -5.07 -3.11
N LEU E 79 -31.53 -5.64 -3.78
CA LEU E 79 -32.85 -5.80 -3.21
C LEU E 79 -32.79 -6.91 -2.16
N THR E 80 -33.65 -6.83 -1.15
CA THR E 80 -33.69 -7.95 -0.19
C THR E 80 -34.52 -9.08 -0.83
N GLU E 81 -34.54 -10.27 -0.19
CA GLU E 81 -35.26 -11.42 -0.70
C GLU E 81 -36.61 -11.56 0.03
N ALA E 82 -36.98 -10.51 0.77
CA ALA E 82 -38.22 -10.41 1.52
C ALA E 82 -39.43 -10.26 0.61
N LYS E 83 -40.62 -10.35 1.21
CA LYS E 83 -41.92 -10.23 0.57
C LYS E 83 -42.04 -9.00 -0.34
N ALA E 84 -41.55 -7.82 0.09
CA ALA E 84 -41.58 -6.57 -0.68
C ALA E 84 -40.90 -6.66 -2.08
N ALA E 85 -39.90 -7.53 -2.23
CA ALA E 85 -39.18 -7.68 -3.50
C ALA E 85 -40.12 -8.23 -4.60
N GLN E 86 -41.16 -8.99 -4.19
CA GLN E 86 -42.19 -9.50 -5.12
C GLN E 86 -42.99 -8.30 -5.70
N LEU E 87 -43.26 -7.27 -4.88
CA LEU E 87 -44.01 -6.10 -5.34
C LEU E 87 -43.11 -5.29 -6.30
N VAL E 88 -41.83 -5.14 -5.91
CA VAL E 88 -40.81 -4.45 -6.72
C VAL E 88 -40.73 -5.15 -8.10
N ASN E 89 -40.66 -6.49 -8.11
CA ASN E 89 -40.61 -7.26 -9.36
C ASN E 89 -41.86 -7.05 -10.26
N ALA E 90 -43.04 -6.85 -9.63
CA ALA E 90 -44.28 -6.58 -10.36
C ALA E 90 -44.31 -5.17 -10.91
N LEU E 91 -43.87 -4.16 -10.13
CA LEU E 91 -43.81 -2.77 -10.63
C LEU E 91 -42.86 -2.68 -11.85
N TYR E 92 -41.72 -3.43 -11.79
CA TYR E 92 -40.75 -3.47 -12.89
C TYR E 92 -41.43 -3.96 -14.14
N THR E 93 -42.01 -5.20 -14.09
CA THR E 93 -42.72 -5.84 -15.22
C THR E 93 -43.86 -4.97 -15.79
N ILE E 94 -44.67 -4.37 -14.91
CA ILE E 94 -45.80 -3.55 -15.37
C ILE E 94 -45.35 -2.21 -15.94
N PHE E 95 -44.43 -1.51 -15.24
CA PHE E 95 -44.05 -0.16 -15.62
C PHE E 95 -42.64 0.08 -16.16
N CYS E 96 -41.61 -0.20 -15.36
CA CYS E 96 -40.21 0.09 -15.71
C CYS E 96 -39.70 -0.62 -16.94
N ALA E 97 -40.11 -1.90 -17.13
CA ALA E 97 -39.73 -2.72 -18.28
C ALA E 97 -40.22 -2.11 -19.65
N GLN E 98 -41.24 -1.21 -19.63
CA GLN E 98 -41.79 -0.56 -20.83
C GLN E 98 -40.83 0.51 -21.42
N GLU E 99 -39.85 0.95 -20.64
CA GLU E 99 -38.85 1.94 -21.02
C GLU E 99 -37.64 1.27 -21.72
N LYS E 100 -37.62 -0.08 -21.76
CA LYS E 100 -36.57 -0.85 -22.41
C LYS E 100 -36.69 -0.82 -23.94
N GLN E 101 -35.54 -0.87 -24.62
CA GLN E 101 -35.46 -0.87 -26.07
C GLN E 101 -35.38 -2.32 -26.54
N ALA E 102 -36.12 -2.69 -27.61
CA ALA E 102 -36.13 -4.07 -28.15
C ALA E 102 -34.76 -4.51 -28.70
N ARG F 3 -34.01 8.49 -19.34
CA ARG F 3 -33.60 9.36 -18.23
C ARG F 3 -34.75 10.31 -17.89
N GLU F 4 -35.11 11.18 -18.85
CA GLU F 4 -36.22 12.13 -18.71
C GLU F 4 -37.56 11.34 -18.77
N ASP F 5 -37.61 10.29 -19.62
CA ASP F 5 -38.77 9.41 -19.75
C ASP F 5 -38.87 8.45 -18.55
N MET F 6 -37.73 8.19 -17.86
CA MET F 6 -37.64 7.36 -16.65
C MET F 6 -38.20 8.19 -15.50
N GLU F 7 -37.89 9.50 -15.47
CA GLU F 7 -38.37 10.44 -14.46
C GLU F 7 -39.88 10.64 -14.61
N LYS F 8 -40.37 10.66 -15.86
CA LYS F 8 -41.80 10.81 -16.15
C LYS F 8 -42.60 9.63 -15.61
N ARG F 9 -42.22 8.37 -15.98
CA ARG F 9 -42.88 7.14 -15.51
C ARG F 9 -42.77 7.02 -13.98
N ALA F 10 -41.60 7.35 -13.41
CA ALA F 10 -41.36 7.29 -11.97
C ALA F 10 -42.41 8.08 -11.19
N ASN F 11 -42.61 9.37 -11.52
CA ASN F 11 -43.61 10.22 -10.90
C ASN F 11 -45.02 9.70 -11.08
N GLU F 12 -45.35 9.27 -12.30
CA GLU F 12 -46.68 8.73 -12.62
C GLU F 12 -46.97 7.52 -11.71
N VAL F 13 -46.03 6.60 -11.58
CA VAL F 13 -46.17 5.37 -10.76
C VAL F 13 -46.23 5.71 -9.26
N ALA F 14 -45.40 6.66 -8.82
CA ALA F 14 -45.40 7.13 -7.44
C ALA F 14 -46.74 7.73 -7.09
N ASN F 15 -47.35 8.51 -8.02
CA ASN F 15 -48.66 9.15 -7.79
C ASN F 15 -49.75 8.06 -7.68
N LEU F 16 -49.65 7.02 -8.53
CA LEU F 16 -50.56 5.90 -8.47
C LEU F 16 -50.45 5.17 -7.10
N LEU F 17 -49.21 4.98 -6.59
CA LEU F 17 -48.98 4.28 -5.31
C LEU F 17 -49.51 5.12 -4.16
N LYS F 18 -49.37 6.46 -4.25
CA LYS F 18 -49.92 7.38 -3.22
C LYS F 18 -51.43 7.13 -3.12
N THR F 19 -52.12 7.02 -4.27
CA THR F 19 -53.55 6.78 -4.33
C THR F 19 -53.92 5.47 -3.65
N LEU F 20 -53.20 4.40 -3.97
CA LEU F 20 -53.50 3.07 -3.40
C LEU F 20 -53.04 2.90 -1.96
N SER F 21 -52.26 3.87 -1.43
CA SER F 21 -51.71 3.89 -0.05
C SER F 21 -52.76 4.16 1.07
N HIS F 22 -53.96 3.53 0.99
CA HIS F 22 -54.99 3.64 2.02
C HIS F 22 -55.54 2.26 2.23
N PRO F 23 -55.49 1.70 3.47
CA PRO F 23 -56.00 0.33 3.69
C PRO F 23 -57.42 0.05 3.17
N VAL F 24 -58.34 1.02 3.30
CA VAL F 24 -59.71 0.86 2.81
C VAL F 24 -59.72 0.81 1.28
N ARG F 25 -58.91 1.66 0.61
CA ARG F 25 -58.79 1.58 -0.87
C ARG F 25 -58.26 0.24 -1.30
N LEU F 26 -57.26 -0.27 -0.57
CA LEU F 26 -56.72 -1.58 -0.89
C LEU F 26 -57.73 -2.73 -0.75
N LEU F 28 -60.94 -2.48 -0.98
CA LEU F 28 -61.89 -2.25 -2.07
C LEU F 28 -61.38 -2.78 -3.39
N VAL F 29 -60.18 -2.40 -3.82
CA VAL F 29 -59.63 -2.86 -5.10
C VAL F 29 -59.40 -4.38 -5.15
N CYS F 30 -58.88 -4.96 -4.04
CA CYS F 30 -58.70 -6.42 -4.02
C CYS F 30 -60.04 -7.16 -4.08
N THR F 31 -61.10 -6.64 -3.40
CA THR F 31 -62.44 -7.24 -3.46
C THR F 31 -62.98 -7.20 -4.91
N LEU F 32 -62.79 -6.06 -5.61
CA LEU F 32 -63.25 -5.86 -6.99
C LEU F 32 -62.54 -6.68 -8.05
N VAL F 33 -61.38 -7.26 -7.73
CA VAL F 33 -60.65 -8.18 -8.65
C VAL F 33 -61.56 -9.39 -8.92
N GLU F 34 -62.29 -9.81 -7.89
CA GLU F 34 -63.22 -10.94 -7.90
C GLU F 34 -64.53 -10.70 -8.66
N GLY F 35 -64.87 -9.44 -8.90
CA GLY F 35 -66.07 -9.09 -9.65
C GLY F 35 -66.69 -7.77 -9.27
N GLU F 36 -67.84 -7.45 -9.88
CA GLU F 36 -68.59 -6.21 -9.68
C GLU F 36 -69.43 -6.34 -8.42
N PHE F 37 -69.40 -5.32 -7.53
CA PHE F 37 -70.18 -5.36 -6.31
C PHE F 37 -70.91 -4.07 -6.07
N SER F 38 -72.06 -4.15 -5.41
CA SER F 38 -72.85 -2.99 -5.09
C SER F 38 -72.25 -2.43 -3.82
N VAL F 39 -72.65 -1.21 -3.42
CA VAL F 39 -72.13 -0.53 -2.22
C VAL F 39 -72.46 -1.33 -0.95
N GLY F 40 -73.66 -1.93 -0.91
CA GLY F 40 -74.11 -2.77 0.20
C GLY F 40 -73.27 -4.03 0.34
N GLU F 41 -72.95 -4.68 -0.78
CA GLU F 41 -72.11 -5.87 -0.84
C GLU F 41 -70.68 -5.56 -0.41
N LEU F 42 -70.16 -4.37 -0.83
CA LEU F 42 -68.81 -3.95 -0.45
C LEU F 42 -68.74 -3.73 1.05
N GLU F 43 -69.75 -3.06 1.61
CA GLU F 43 -69.84 -2.75 3.05
C GLU F 43 -69.80 -4.01 3.89
N GLN F 44 -70.56 -5.05 3.49
CA GLN F 44 -70.63 -6.32 4.20
C GLN F 44 -69.35 -7.12 4.13
N GLN F 45 -68.77 -7.26 2.93
CA GLN F 45 -67.54 -8.02 2.70
C GLN F 45 -66.25 -7.40 3.34
N ILE F 46 -66.16 -6.06 3.42
CA ILE F 46 -64.95 -5.42 3.96
C ILE F 46 -65.11 -4.85 5.37
N GLY F 47 -66.36 -4.73 5.84
CA GLY F 47 -66.64 -4.26 7.19
C GLY F 47 -66.40 -2.78 7.41
N ILE F 48 -66.59 -1.98 6.34
CA ILE F 48 -66.44 -0.52 6.37
C ILE F 48 -67.79 0.07 5.96
N GLY F 49 -68.33 0.95 6.80
CA GLY F 49 -69.62 1.58 6.56
C GLY F 49 -69.50 2.96 5.94
N GLN F 50 -70.47 3.83 6.22
CA GLN F 50 -70.51 5.19 5.71
C GLN F 50 -70.09 6.22 6.77
N PRO F 51 -69.61 7.44 6.42
CA PRO F 51 -69.38 7.99 5.08
C PRO F 51 -68.14 7.42 4.36
N THR F 52 -67.24 6.74 5.12
CA THR F 52 -65.94 6.16 4.71
C THR F 52 -65.97 5.38 3.38
N LEU F 53 -66.76 4.30 3.32
CA LEU F 53 -66.88 3.46 2.12
C LEU F 53 -67.09 4.28 0.85
N SER F 54 -68.12 5.13 0.82
CA SER F 54 -68.38 5.94 -0.38
C SER F 54 -67.35 7.05 -0.60
N GLN F 55 -66.69 7.52 0.48
CA GLN F 55 -65.61 8.53 0.34
C GLN F 55 -64.43 7.90 -0.40
N GLN F 56 -64.07 6.66 0.00
CA GLN F 56 -62.99 5.88 -0.58
C GLN F 56 -63.22 5.40 -2.00
N LEU F 57 -64.46 4.95 -2.34
CA LEU F 57 -64.80 4.57 -3.73
C LEU F 57 -64.78 5.84 -4.59
N GLY F 58 -65.12 6.97 -3.97
CA GLY F 58 -65.11 8.29 -4.57
C GLY F 58 -63.71 8.62 -5.04
N VAL F 59 -62.70 8.47 -4.14
CA VAL F 59 -61.27 8.68 -4.45
C VAL F 59 -60.83 7.74 -5.60
N LEU F 60 -61.17 6.45 -5.53
CA LEU F 60 -60.80 5.43 -6.53
C LEU F 60 -61.41 5.70 -7.88
N ARG F 61 -62.63 6.28 -7.88
CA ARG F 61 -63.36 6.63 -9.12
C ARG F 61 -62.69 7.86 -9.73
N GLU F 62 -62.38 8.87 -8.90
CA GLU F 62 -61.70 10.10 -9.39
C GLU F 62 -60.35 9.72 -9.99
N SER F 63 -59.64 8.79 -9.32
CA SER F 63 -58.33 8.32 -9.79
C SER F 63 -58.39 7.45 -11.04
N GLY F 64 -59.60 7.09 -11.50
CA GLY F 64 -59.77 6.28 -12.71
C GLY F 64 -59.51 4.80 -12.51
N ILE F 65 -59.51 4.35 -11.24
CA ILE F 65 -59.21 2.95 -10.88
C ILE F 65 -60.48 2.09 -10.83
N VAL F 66 -61.58 2.70 -10.39
CA VAL F 66 -62.87 2.05 -10.28
C VAL F 66 -63.88 2.91 -11.08
N GLU F 67 -64.91 2.25 -11.60
CA GLU F 67 -66.01 2.89 -12.31
C GLU F 67 -67.34 2.20 -11.90
N THR F 68 -68.46 2.79 -12.30
CA THR F 68 -69.77 2.24 -12.00
C THR F 68 -70.41 1.63 -13.25
N ARG F 69 -71.34 0.71 -13.01
CA ARG F 69 -72.12 0.06 -14.06
C ARG F 69 -73.56 -0.09 -13.54
N ARG F 70 -74.55 0.28 -14.38
CA ARG F 70 -75.97 0.16 -14.04
C ARG F 70 -76.74 -0.20 -15.31
N ASN F 71 -76.81 -1.51 -15.60
CA ASN F 71 -77.48 -2.07 -16.79
C ASN F 71 -78.99 -1.98 -16.70
N ILE F 72 -79.55 -2.18 -15.48
CA ILE F 72 -80.99 -2.13 -15.26
C ILE F 72 -81.36 -1.12 -14.18
N LYS F 73 -80.88 -1.34 -12.95
CA LYS F 73 -81.26 -0.49 -11.82
C LYS F 73 -80.16 -0.42 -10.76
N GLN F 74 -79.63 -1.59 -10.35
CA GLN F 74 -78.61 -1.63 -9.31
C GLN F 74 -77.28 -1.01 -9.77
N ILE F 75 -76.70 -0.16 -8.94
CA ILE F 75 -75.38 0.42 -9.22
C ILE F 75 -74.26 -0.58 -8.77
N PHE F 76 -73.45 -1.08 -9.72
CA PHE F 76 -72.31 -1.95 -9.40
C PHE F 76 -71.00 -1.24 -9.67
N TYR F 77 -70.04 -1.42 -8.76
CA TYR F 77 -68.70 -0.89 -8.92
C TYR F 77 -67.85 -2.01 -9.49
N ARG F 78 -66.85 -1.64 -10.28
CA ARG F 78 -65.96 -2.55 -10.95
C ARG F 78 -64.66 -1.80 -11.20
N LEU F 79 -63.59 -2.56 -11.39
CA LEU F 79 -62.31 -2.01 -11.71
C LEU F 79 -62.33 -1.49 -13.15
N THR F 80 -61.54 -0.49 -13.46
CA THR F 80 -61.45 -0.07 -14.87
C THR F 80 -60.51 -1.04 -15.59
N GLU F 81 -60.42 -0.94 -16.92
CA GLU F 81 -59.57 -1.83 -17.72
C GLU F 81 -58.25 -1.11 -18.07
N ALA F 82 -58.02 0.03 -17.42
CA ALA F 82 -56.84 0.86 -17.58
C ALA F 82 -55.60 0.19 -17.01
N LYS F 83 -54.43 0.81 -17.28
CA LYS F 83 -53.11 0.40 -16.84
C LYS F 83 -53.04 0.07 -15.33
N ALA F 84 -53.66 0.90 -14.47
CA ALA F 84 -53.68 0.70 -13.00
C ALA F 84 -54.28 -0.65 -12.53
N ALA F 85 -55.21 -1.24 -13.31
CA ALA F 85 -55.84 -2.52 -12.97
C ALA F 85 -54.80 -3.65 -12.95
N GLN F 86 -53.71 -3.48 -13.73
CA GLN F 86 -52.60 -4.45 -13.79
C GLN F 86 -51.86 -4.43 -12.44
N LEU F 87 -51.72 -3.25 -11.83
CA LEU F 87 -51.04 -3.15 -10.54
C LEU F 87 -51.95 -3.77 -9.46
N VAL F 88 -53.27 -3.46 -9.53
CA VAL F 88 -54.27 -3.99 -8.59
C VAL F 88 -54.22 -5.53 -8.64
N ASN F 89 -54.25 -6.10 -9.87
CA ASN F 89 -54.16 -7.55 -10.08
C ASN F 89 -52.89 -8.17 -9.46
N ALA F 90 -51.74 -7.44 -9.50
CA ALA F 90 -50.47 -7.90 -8.91
C ALA F 90 -50.51 -7.83 -7.39
N LEU F 91 -51.10 -6.77 -6.84
CA LEU F 91 -51.26 -6.63 -5.38
C LEU F 91 -52.17 -7.76 -4.85
N TYR F 92 -53.21 -8.14 -5.62
CA TYR F 92 -54.14 -9.22 -5.25
C TYR F 92 -53.36 -10.52 -5.12
N THR F 93 -52.65 -10.92 -6.20
CA THR F 93 -51.83 -12.14 -6.28
C THR F 93 -50.73 -12.21 -5.19
N ILE F 94 -50.01 -11.12 -4.97
CA ILE F 94 -48.94 -11.10 -3.98
C ILE F 94 -49.47 -11.09 -2.54
N PHE F 95 -50.47 -10.25 -2.24
CA PHE F 95 -50.94 -10.06 -0.88
C PHE F 95 -52.34 -10.58 -0.50
N CYS F 96 -53.39 -10.05 -1.14
CA CYS F 96 -54.79 -10.36 -0.84
C CYS F 96 -55.17 -11.81 -0.99
N ALA F 97 -54.65 -12.48 -2.05
CA ALA F 97 -54.89 -13.90 -2.31
C ALA F 97 -54.39 -14.84 -1.18
N GLN F 98 -53.44 -14.37 -0.32
CA GLN F 98 -52.87 -15.16 0.78
C GLN F 98 -53.86 -15.36 1.95
N GLU F 99 -54.92 -14.54 2.00
CA GLU F 99 -55.96 -14.58 3.03
C GLU F 99 -57.07 -15.60 2.66
N LYS F 100 -57.00 -16.17 1.43
CA LYS F 100 -57.97 -17.16 0.94
C LYS F 100 -57.75 -18.54 1.58
N GLN F 101 -58.86 -19.27 1.78
CA GLN F 101 -58.89 -20.60 2.36
C GLN F 101 -58.79 -21.63 1.23
N ALA F 102 -58.00 -22.69 1.40
CA ALA F 102 -57.85 -23.75 0.38
C ALA F 102 -59.14 -24.52 0.09
#